data_5IF8
#
_entry.id   5IF8
#
_cell.length_a   68.780
_cell.length_b   68.780
_cell.length_c   396.100
_cell.angle_alpha   90.000
_cell.angle_beta   90.000
_cell.angle_gamma   120.000
#
_symmetry.space_group_name_H-M   'P 65 2 2'
#
loop_
_entity.id
_entity.type
_entity.pdbx_description
1 polymer 'Polymerase acidic protein'
2 non-polymer 5-[(4-chlorophenyl)methyl]-1,3,4-oxadiazol-2-amine
3 non-polymer 'DIMETHYL SULFOXIDE'
4 non-polymer 'CHLORIDE ION'
5 non-polymer 1,2-ETHANEDIOL
6 non-polymer GLYCEROL
7 water water
#
_entity_poly.entity_id   1
_entity_poly.type   'polypeptide(L)'
_entity_poly.pdbx_seq_one_letter_code
;GNARIEPFLKSTPRPLRLPDGPPCSQRSKFLLMDALKLSIEDPSHEGEGIPLYDAIKCMRTFFGWKEPNVVKPHEKGINP
NYLLSWKQVLAELQDIENEEKIPRTKNMKKTSQLKWALGENMAPEKVDFDDCKDVGDLKQYDSDEPELRSLASWIQNEFN
KACELTDSSWIELDEIGEDAAPIEHIASMRRNYFTAEVSHCRATEYIMKGVYINTALLNASCAAMDDFQLIPMISKCRTK
EGRRKTNLYGFIIKGRSHLRNDTDVVNFVSMEFSLTDPRLEPHKWEKYCVLEVGDMLLRSAIGHVSRPMFLYVRTNGTSK
IKMKWGMEMRRCLLQSLQQIESMIEAESSVKEKDMTKEFFENKSETWPVGESPKGVEEGSIGKVCRTLLAKSVFNSLYAS
PQLEGFSAESRKLLLIVQALRDNLEPGTFDLGGLYEAIEECLINDPWVLLNASWFNSFLTHALR
;
_entity_poly.pdbx_strand_id   A
#
loop_
_chem_comp.id
_chem_comp.type
_chem_comp.name
_chem_comp.formula
6AX non-polymer 5-[(4-chlorophenyl)methyl]-1,3,4-oxadiazol-2-amine 'C9 H8 Cl N3 O'
CL non-polymer 'CHLORIDE ION' 'Cl -1'
DMS non-polymer 'DIMETHYL SULFOXIDE' 'C2 H6 O S'
EDO non-polymer 1,2-ETHANEDIOL 'C2 H6 O2'
GOL non-polymer GLYCEROL 'C3 H8 O3'
#
# COMPACT_ATOMS: atom_id res chain seq x y z
N PRO A 13 19.80 -12.50 -25.55
CA PRO A 13 19.27 -11.93 -26.78
C PRO A 13 18.59 -10.57 -26.61
N ARG A 14 17.34 -10.49 -27.04
CA ARG A 14 16.59 -9.25 -27.22
C ARG A 14 16.09 -8.71 -25.88
N PRO A 15 16.09 -7.40 -25.68
CA PRO A 15 15.36 -6.82 -24.54
C PRO A 15 13.88 -6.73 -24.84
N LEU A 16 13.06 -6.90 -23.80
CA LEU A 16 11.63 -6.73 -23.95
C LEU A 16 11.31 -5.31 -24.44
N ARG A 17 10.53 -5.21 -25.51
CA ARG A 17 10.10 -3.90 -26.01
C ARG A 17 8.97 -3.40 -25.11
N LEU A 18 9.27 -2.43 -24.27
CA LEU A 18 8.24 -1.81 -23.45
C LEU A 18 7.46 -0.76 -24.26
N PRO A 19 6.22 -0.47 -23.87
CA PRO A 19 5.35 0.34 -24.75
C PRO A 19 5.53 1.84 -24.59
N ASP A 20 5.39 2.56 -25.71
CA ASP A 20 5.39 4.01 -25.72
C ASP A 20 3.98 4.53 -25.43
N GLY A 21 3.93 5.76 -24.92
CA GLY A 21 2.67 6.39 -24.63
C GLY A 21 2.78 7.29 -23.41
N PRO A 22 1.64 7.81 -22.96
CA PRO A 22 1.66 8.71 -21.81
C PRO A 22 2.12 7.98 -20.57
N PRO A 23 2.78 8.67 -19.65
CA PRO A 23 3.27 8.00 -18.44
C PRO A 23 2.14 7.31 -17.68
N CYS A 24 2.47 6.13 -17.13
CA CYS A 24 1.52 5.37 -16.34
C CYS A 24 1.20 6.12 -15.05
N SER A 25 0.05 5.78 -14.47
CA SER A 25 -0.51 6.52 -13.36
C SER A 25 -0.75 5.60 -12.16
N GLN A 26 -0.99 6.22 -11.01
CA GLN A 26 -1.24 5.46 -9.79
C GLN A 26 -2.55 4.69 -9.90
N ARG A 27 -2.52 3.42 -9.47
CA ARG A 27 -3.72 2.61 -9.44
CA ARG A 27 -3.70 2.59 -9.46
C ARG A 27 -3.81 1.76 -8.17
N SER A 28 -3.05 2.09 -7.14
CA SER A 28 -3.24 1.38 -5.89
C SER A 28 -4.57 1.79 -5.26
N LYS A 29 -5.00 0.98 -4.28
CA LYS A 29 -6.25 1.22 -3.59
C LYS A 29 -6.18 2.37 -2.58
N PHE A 30 -4.98 2.72 -2.13
CA PHE A 30 -4.76 3.83 -1.22
C PHE A 30 -3.38 4.39 -1.51
N LEU A 31 -3.14 5.62 -1.07
CA LEU A 31 -1.83 6.22 -1.31
C LEU A 31 -0.73 5.42 -0.62
N LEU A 32 0.49 5.50 -1.19
CA LEU A 32 1.64 4.80 -0.65
C LEU A 32 2.60 5.86 -0.12
N MET A 33 3.66 6.21 -0.86
CA MET A 33 4.64 7.15 -0.32
C MET A 33 4.06 8.53 -0.07
N ASP A 34 2.94 8.87 -0.70
CA ASP A 34 2.37 10.21 -0.57
C ASP A 34 1.42 10.36 0.60
N ALA A 35 1.08 9.28 1.27
CA ALA A 35 0.12 9.38 2.36
C ALA A 35 0.61 10.36 3.41
N LEU A 36 -0.34 10.88 4.17
CA LEU A 36 -0.07 11.77 5.27
C LEU A 36 -1.00 11.36 6.40
N LYS A 37 -0.48 11.30 7.61
CA LYS A 37 -1.21 10.82 8.76
C LYS A 37 -1.50 11.96 9.73
N LEU A 38 -2.73 12.03 10.21
CA LEU A 38 -3.02 12.79 11.42
C LEU A 38 -3.09 11.81 12.58
N SER A 39 -2.33 12.08 13.64
CA SER A 39 -2.04 11.06 14.64
C SER A 39 -2.34 11.54 16.05
N ILE A 40 -2.51 10.57 16.95
CA ILE A 40 -2.69 10.77 18.38
C ILE A 40 -1.90 9.70 19.11
N GLU A 41 -1.33 10.06 20.26
CA GLU A 41 -0.67 9.08 21.12
C GLU A 41 -1.67 8.47 22.13
N ASP A 42 -2.67 7.79 21.57
CA ASP A 42 -3.67 7.01 22.33
C ASP A 42 -4.16 7.69 23.63
N GLY A 49 -11.32 0.82 21.27
CA GLY A 49 -10.90 1.08 19.90
C GLY A 49 -12.05 1.08 18.92
N ILE A 50 -12.79 2.18 18.88
CA ILE A 50 -13.92 2.36 17.96
C ILE A 50 -13.44 3.29 16.82
N PRO A 51 -13.32 2.80 15.59
CA PRO A 51 -12.63 3.59 14.52
C PRO A 51 -13.09 5.02 14.38
N LEU A 52 -14.40 5.25 14.43
CA LEU A 52 -14.91 6.59 14.22
C LEU A 52 -14.43 7.52 15.33
N TYR A 53 -14.40 7.03 16.58
CA TYR A 53 -13.89 7.83 17.69
C TYR A 53 -12.40 8.13 17.51
N ASP A 54 -11.61 7.13 17.13
CA ASP A 54 -10.21 7.39 16.78
C ASP A 54 -10.11 8.46 15.71
N ALA A 55 -10.92 8.35 14.65
CA ALA A 55 -10.82 9.31 13.56
C ALA A 55 -11.06 10.73 14.06
N ILE A 56 -12.06 10.91 14.91
CA ILE A 56 -12.45 12.25 15.30
C ILE A 56 -11.36 12.89 16.15
N LYS A 57 -10.81 12.12 17.10
CA LYS A 57 -9.72 12.61 17.91
C LYS A 57 -8.50 12.97 17.06
N CYS A 58 -8.24 12.19 16.00
CA CYS A 58 -7.18 12.60 15.08
C CYS A 58 -7.55 13.88 14.35
N MET A 59 -8.78 13.99 13.87
CA MET A 59 -9.22 15.19 13.17
C MET A 59 -9.06 16.43 14.05
N ARG A 60 -9.41 16.32 15.34
CA ARG A 60 -9.36 17.53 16.15
CA ARG A 60 -9.36 17.45 16.28
C ARG A 60 -7.95 17.93 16.57
N THR A 61 -6.91 17.14 16.24
CA THR A 61 -5.54 17.58 16.50
C THR A 61 -5.05 18.59 15.47
N PHE A 62 -5.75 18.76 14.35
CA PHE A 62 -5.31 19.63 13.26
C PHE A 62 -6.19 20.85 13.22
N PHE A 63 -5.57 22.04 13.18
CA PHE A 63 -6.30 23.30 13.22
C PHE A 63 -6.11 24.13 11.98
N GLY A 64 -5.37 23.64 10.99
CA GLY A 64 -5.14 24.39 9.78
C GLY A 64 -6.11 24.12 8.66
N TRP A 65 -7.31 23.61 8.97
CA TRP A 65 -8.34 23.45 7.94
C TRP A 65 -8.74 24.80 7.37
N LYS A 66 -9.11 24.81 6.09
CA LYS A 66 -9.61 26.02 5.46
C LYS A 66 -10.62 25.64 4.39
N GLU A 67 -11.26 26.65 3.80
CA GLU A 67 -12.24 26.43 2.74
C GLU A 67 -11.60 25.64 1.61
N PRO A 68 -12.08 24.44 1.30
CA PRO A 68 -11.41 23.60 0.32
C PRO A 68 -11.74 23.99 -1.11
N ASN A 69 -10.81 23.69 -2.01
CA ASN A 69 -11.00 23.94 -3.43
C ASN A 69 -10.19 22.95 -4.25
N VAL A 70 -10.60 22.77 -5.51
CA VAL A 70 -9.91 21.89 -6.44
C VAL A 70 -8.61 22.54 -6.88
N VAL A 71 -7.51 21.79 -6.81
CA VAL A 71 -6.24 22.23 -7.40
C VAL A 71 -5.77 21.37 -8.56
N LYS A 72 -6.20 20.11 -8.67
CA LYS A 72 -5.88 19.27 -9.82
C LYS A 72 -7.15 18.53 -10.16
N PRO A 73 -7.87 18.95 -11.18
CA PRO A 73 -9.17 18.34 -11.45
C PRO A 73 -9.00 16.96 -12.03
N HIS A 74 -10.03 16.14 -11.82
CA HIS A 74 -10.15 14.85 -12.47
C HIS A 74 -10.73 15.07 -13.86
N GLU A 75 -9.93 14.77 -14.90
CA GLU A 75 -10.33 15.09 -16.27
C GLU A 75 -11.64 14.40 -16.65
N LYS A 76 -11.84 13.15 -16.24
CA LYS A 76 -13.04 12.40 -16.62
C LYS A 76 -14.15 12.42 -15.57
N GLY A 77 -13.98 13.11 -14.43
CA GLY A 77 -14.96 13.10 -13.37
C GLY A 77 -15.77 14.38 -13.26
N ILE A 78 -16.77 14.35 -12.37
CA ILE A 78 -17.58 15.53 -12.07
C ILE A 78 -16.96 16.18 -10.85
N ASN A 79 -16.05 17.12 -11.10
CA ASN A 79 -15.23 17.67 -10.02
C ASN A 79 -16.03 18.36 -8.92
N PRO A 80 -17.08 19.16 -9.20
CA PRO A 80 -17.90 19.72 -8.11
C PRO A 80 -18.38 18.67 -7.14
N ASN A 81 -18.63 17.46 -7.60
CA ASN A 81 -19.17 16.43 -6.71
C ASN A 81 -18.12 15.95 -5.71
N TYR A 82 -16.87 15.84 -6.16
CA TYR A 82 -15.82 15.44 -5.23
C TYR A 82 -15.67 16.47 -4.12
N LEU A 83 -15.73 17.76 -4.48
CA LEU A 83 -15.62 18.81 -3.47
C LEU A 83 -16.83 18.79 -2.54
N LEU A 84 -18.04 18.67 -3.09
CA LEU A 84 -19.22 18.59 -2.25
C LEU A 84 -19.10 17.42 -1.28
N SER A 85 -18.46 16.33 -1.73
CA SER A 85 -18.37 15.13 -0.92
C SER A 85 -17.47 15.33 0.29
N TRP A 86 -16.32 15.97 0.07
CA TRP A 86 -15.43 16.24 1.19
C TRP A 86 -16.08 17.20 2.19
N LYS A 87 -16.73 18.26 1.69
CA LYS A 87 -17.44 19.17 2.59
C LYS A 87 -18.50 18.44 3.38
N GLN A 88 -19.16 17.45 2.76
CA GLN A 88 -20.17 16.66 3.46
C GLN A 88 -19.54 15.83 4.56
N VAL A 89 -18.37 15.23 4.30
CA VAL A 89 -17.69 14.48 5.36
C VAL A 89 -17.41 15.37 6.56
N LEU A 90 -16.87 16.57 6.33
CA LEU A 90 -16.58 17.45 7.45
C LEU A 90 -17.86 17.88 8.15
N ALA A 91 -18.92 18.09 7.38
CA ALA A 91 -20.18 18.53 7.95
C ALA A 91 -20.81 17.44 8.79
N GLU A 92 -20.75 16.17 8.35
CA GLU A 92 -21.37 15.10 9.12
C GLU A 92 -20.50 14.68 10.30
N LEU A 93 -19.19 14.91 10.22
CA LEU A 93 -18.36 14.71 11.39
C LEU A 93 -18.63 15.80 12.42
N GLN A 94 -18.90 17.02 11.95
CA GLN A 94 -19.33 18.09 12.84
C GLN A 94 -20.63 17.71 13.57
N ASP A 95 -21.55 17.03 12.87
CA ASP A 95 -22.77 16.54 13.52
C ASP A 95 -22.44 15.52 14.59
N ILE A 96 -21.63 14.51 14.25
CA ILE A 96 -21.28 13.47 15.20
C ILE A 96 -20.73 14.06 16.49
N GLU A 97 -19.98 15.16 16.37
CA GLU A 97 -19.38 15.75 17.56
C GLU A 97 -20.41 16.30 18.53
N ASN A 98 -21.56 16.77 18.03
CA ASN A 98 -22.58 17.37 18.88
C ASN A 98 -23.44 16.34 19.59
N GLU A 99 -23.63 15.16 19.00
CA GLU A 99 -24.36 14.09 19.66
C GLU A 99 -23.61 13.65 20.92
N GLU A 100 -24.32 13.58 22.05
CA GLU A 100 -23.66 13.28 23.32
C GLU A 100 -22.91 11.95 23.25
N LYS A 101 -23.53 10.93 22.68
CA LYS A 101 -22.90 9.63 22.48
C LYS A 101 -22.37 9.58 21.05
N ILE A 102 -21.04 9.57 20.89
CA ILE A 102 -20.44 9.38 19.57
C ILE A 102 -20.81 7.99 19.09
N PRO A 103 -21.51 7.86 17.97
CA PRO A 103 -22.00 6.55 17.54
C PRO A 103 -20.84 5.66 17.09
N ARG A 104 -21.14 4.36 17.00
CA ARG A 104 -20.10 3.44 16.55
C ARG A 104 -19.78 3.65 15.08
N THR A 105 -20.80 3.86 14.26
CA THR A 105 -20.64 4.05 12.83
C THR A 105 -21.44 5.27 12.39
N LYS A 106 -21.14 5.77 11.21
CA LYS A 106 -21.83 6.92 10.63
C LYS A 106 -22.24 6.54 9.23
N ASN A 107 -23.54 6.54 8.95
CA ASN A 107 -24.03 6.35 7.60
C ASN A 107 -24.27 7.72 6.99
N MET A 108 -23.67 7.97 5.82
CA MET A 108 -23.76 9.28 5.19
C MET A 108 -25.13 9.49 4.58
N LYS A 109 -25.63 10.72 4.65
CA LYS A 109 -26.79 11.10 3.88
C LYS A 109 -26.54 10.77 2.41
N LYS A 110 -27.55 10.20 1.75
CA LYS A 110 -27.39 9.72 0.38
C LYS A 110 -27.63 10.90 -0.57
N THR A 111 -26.66 11.80 -0.56
CA THR A 111 -26.74 13.03 -1.36
C THR A 111 -26.51 12.72 -2.84
N SER A 112 -26.86 13.70 -3.68
CA SER A 112 -26.62 13.57 -5.12
C SER A 112 -25.12 13.42 -5.43
N GLN A 113 -24.25 14.17 -4.74
CA GLN A 113 -22.83 14.02 -5.04
C GLN A 113 -22.32 12.62 -4.69
N LEU A 114 -22.83 12.05 -3.60
CA LEU A 114 -22.34 10.71 -3.25
C LEU A 114 -22.96 9.66 -4.15
N LYS A 115 -24.23 9.83 -4.50
CA LYS A 115 -24.84 8.89 -5.42
C LYS A 115 -24.11 8.87 -6.75
N TRP A 116 -23.64 10.04 -7.22
CA TRP A 116 -22.86 10.04 -8.45
C TRP A 116 -21.51 9.39 -8.20
N ALA A 117 -20.82 9.78 -7.13
CA ALA A 117 -19.48 9.28 -6.93
C ALA A 117 -19.48 7.77 -6.72
N LEU A 118 -20.51 7.24 -6.07
CA LEU A 118 -20.61 5.82 -5.79
C LEU A 118 -21.29 5.04 -6.90
N GLY A 119 -21.56 5.66 -8.04
CA GLY A 119 -22.09 4.96 -9.19
C GLY A 119 -23.48 4.39 -9.01
N GLU A 120 -24.28 4.94 -8.09
CA GLU A 120 -25.65 4.46 -7.87
C GLU A 120 -26.55 4.76 -9.06
N GLU A 147 -5.42 0.76 -23.09
CA GLU A 147 -4.69 1.96 -23.52
C GLU A 147 -3.22 1.96 -23.04
N LEU A 148 -2.29 2.06 -23.98
CA LEU A 148 -0.88 1.91 -23.68
C LEU A 148 -0.35 3.06 -22.82
N ARG A 149 0.58 2.72 -21.92
CA ARG A 149 1.25 3.67 -21.02
C ARG A 149 2.72 3.34 -20.91
N SER A 150 3.55 4.38 -20.87
CA SER A 150 4.99 4.20 -20.69
C SER A 150 5.34 4.20 -19.21
N LEU A 151 6.53 3.67 -18.90
CA LEU A 151 7.00 3.59 -17.53
C LEU A 151 7.39 4.98 -17.03
N ALA A 152 6.86 5.36 -15.87
CA ALA A 152 7.20 6.62 -15.25
C ALA A 152 8.10 6.34 -14.04
N SER A 153 8.97 7.31 -13.73
CA SER A 153 9.95 7.14 -12.65
C SER A 153 9.30 6.95 -11.26
N TRP A 154 8.04 7.33 -11.08
CA TRP A 154 7.47 7.35 -9.72
C TRP A 154 7.29 5.95 -9.14
N ILE A 155 7.14 4.91 -9.97
CA ILE A 155 6.88 3.59 -9.41
C ILE A 155 8.16 3.02 -8.80
N GLN A 156 9.31 3.21 -9.45
CA GLN A 156 10.59 2.87 -8.82
C GLN A 156 10.76 3.63 -7.51
N ASN A 157 10.36 4.91 -7.47
CA ASN A 157 10.47 5.67 -6.22
C ASN A 157 9.55 5.11 -5.15
N GLU A 158 8.32 4.74 -5.52
CA GLU A 158 7.44 4.05 -4.57
C GLU A 158 8.14 2.83 -3.99
N PHE A 159 8.68 1.97 -4.87
CA PHE A 159 9.37 0.78 -4.39
C PHE A 159 10.50 1.12 -3.45
N ASN A 160 11.36 2.06 -3.84
CA ASN A 160 12.46 2.47 -2.96
C ASN A 160 11.93 2.89 -1.60
N LYS A 161 10.84 3.67 -1.59
CA LYS A 161 10.30 4.12 -0.31
C LYS A 161 9.79 2.95 0.50
N ALA A 162 9.22 1.93 -0.17
CA ALA A 162 8.71 0.77 0.55
C ALA A 162 9.81 -0.02 1.23
N CYS A 163 11.06 0.07 0.75
CA CYS A 163 12.17 -0.63 1.41
C CYS A 163 12.73 0.13 2.61
N GLU A 164 12.28 1.36 2.85
CA GLU A 164 12.91 2.18 3.87
C GLU A 164 12.48 1.76 5.28
N LEU A 165 13.29 2.16 6.25
CA LEU A 165 12.95 2.01 7.66
C LEU A 165 12.19 3.24 8.14
N THR A 166 11.23 3.01 9.04
CA THR A 166 10.47 4.07 9.68
C THR A 166 10.86 4.17 11.16
N ASP A 167 10.53 5.31 11.77
CA ASP A 167 10.82 5.49 13.19
C ASP A 167 9.99 4.55 14.06
N SER A 168 8.75 4.27 13.67
CA SER A 168 7.82 3.47 14.44
C SER A 168 7.85 2.01 13.98
N SER A 169 7.34 1.13 14.84
CA SER A 169 7.19 -0.27 14.50
C SER A 169 5.72 -0.58 14.24
N TRP A 170 5.47 -1.47 13.28
CA TRP A 170 4.13 -1.72 12.79
C TRP A 170 3.55 -3.08 13.16
N ILE A 171 4.36 -3.97 13.74
CA ILE A 171 3.91 -5.30 14.13
C ILE A 171 4.47 -5.65 15.50
N GLU A 172 3.91 -6.69 16.10
CA GLU A 172 4.37 -7.22 17.37
C GLU A 172 5.43 -8.28 17.10
N LEU A 173 6.21 -8.57 18.14
CA LEU A 173 7.29 -9.53 18.01
C LEU A 173 6.80 -10.87 17.46
N ASP A 174 5.61 -11.30 17.89
CA ASP A 174 5.07 -12.59 17.49
C ASP A 174 4.04 -12.47 16.35
N GLU A 175 4.15 -11.40 15.55
CA GLU A 175 3.15 -11.19 14.50
C GLU A 175 3.23 -12.27 13.42
N ILE A 176 4.43 -12.74 13.12
CA ILE A 176 4.67 -13.57 11.96
C ILE A 176 4.42 -15.04 12.31
N GLY A 177 3.65 -15.71 11.46
CA GLY A 177 3.38 -17.12 11.67
C GLY A 177 2.01 -17.36 12.30
N GLU A 178 1.57 -18.61 12.24
CA GLU A 178 0.29 -19.00 12.80
C GLU A 178 0.35 -20.43 13.29
N ASP A 179 1.46 -20.81 13.89
CA ASP A 179 1.66 -22.17 14.35
C ASP A 179 0.68 -22.51 15.47
N ALA A 180 0.30 -23.79 15.52
CA ALA A 180 -0.54 -24.29 16.62
C ALA A 180 0.29 -24.64 17.83
N ALA A 181 1.48 -25.16 17.59
CA ALA A 181 2.39 -25.61 18.61
C ALA A 181 3.48 -24.58 18.84
N PRO A 182 4.21 -24.70 19.96
CA PRO A 182 5.44 -23.91 20.13
C PRO A 182 6.45 -24.20 19.03
N ILE A 183 7.07 -23.15 18.52
CA ILE A 183 8.02 -23.30 17.42
C ILE A 183 9.39 -23.69 17.99
N GLU A 184 10.10 -24.54 17.23
CA GLU A 184 11.40 -25.04 17.63
C GLU A 184 12.44 -23.91 17.62
N HIS A 185 13.61 -24.20 18.18
CA HIS A 185 14.55 -23.14 18.49
C HIS A 185 15.10 -22.45 17.25
N ILE A 186 15.47 -23.22 16.22
CA ILE A 186 16.06 -22.60 15.03
C ILE A 186 15.02 -21.76 14.30
N ALA A 187 13.76 -22.22 14.28
CA ALA A 187 12.69 -21.42 13.68
C ALA A 187 12.47 -20.13 14.45
N SER A 188 12.56 -20.20 15.77
CA SER A 188 12.30 -19.01 16.59
C SER A 188 13.39 -17.95 16.40
N MET A 189 14.65 -18.39 16.32
CA MET A 189 15.75 -17.46 16.09
C MET A 189 15.65 -16.81 14.72
N ARG A 190 15.27 -17.60 13.71
CA ARG A 190 15.10 -17.05 12.36
C ARG A 190 13.95 -16.05 12.31
N ARG A 191 12.84 -16.32 13.00
CA ARG A 191 11.72 -15.39 12.99
C ARG A 191 12.08 -14.09 13.71
N ASN A 192 12.78 -14.20 14.83
CA ASN A 192 13.12 -13.00 15.60
C ASN A 192 14.15 -12.14 14.87
N TYR A 193 15.14 -12.76 14.20
CA TYR A 193 16.05 -12.00 13.35
C TYR A 193 15.31 -11.28 12.23
N PHE A 194 14.48 -12.00 11.48
CA PHE A 194 13.79 -11.41 10.35
C PHE A 194 12.82 -10.33 10.81
N THR A 195 12.11 -10.60 11.92
CA THR A 195 11.18 -9.63 12.49
C THR A 195 11.88 -8.34 12.87
N ALA A 196 13.07 -8.44 13.47
CA ALA A 196 13.82 -7.24 13.82
C ALA A 196 14.12 -6.38 12.60
N GLU A 197 14.28 -7.00 11.43
CA GLU A 197 14.65 -6.26 10.23
C GLU A 197 13.48 -5.65 9.48
N VAL A 198 12.25 -6.14 9.66
CA VAL A 198 11.11 -5.66 8.91
C VAL A 198 10.00 -5.05 9.77
N SER A 199 10.12 -5.09 11.12
CA SER A 199 9.09 -4.50 11.96
C SER A 199 8.99 -2.98 11.79
N HIS A 200 10.08 -2.32 11.40
CA HIS A 200 10.09 -0.88 11.18
C HIS A 200 10.08 -0.53 9.71
N CYS A 201 9.87 -1.52 8.84
CA CYS A 201 9.93 -1.29 7.41
C CYS A 201 8.64 -0.66 6.91
N ARG A 202 8.79 0.31 5.98
CA ARG A 202 7.65 1.01 5.41
C ARG A 202 6.63 0.06 4.81
N ALA A 203 7.10 -0.97 4.10
CA ALA A 203 6.17 -1.90 3.47
C ALA A 203 5.32 -2.61 4.50
N THR A 204 5.83 -2.73 5.73
CA THR A 204 5.02 -3.30 6.80
C THR A 204 3.90 -2.37 7.23
N GLU A 205 4.15 -1.05 7.20
CA GLU A 205 3.05 -0.11 7.34
C GLU A 205 2.00 -0.35 6.27
N TYR A 206 2.44 -0.54 5.02
CA TYR A 206 1.50 -0.78 3.93
C TYR A 206 0.70 -2.04 4.18
N ILE A 207 1.34 -3.08 4.74
CA ILE A 207 0.61 -4.30 5.07
C ILE A 207 -0.49 -4.01 6.08
N MET A 208 -0.12 -3.37 7.21
CA MET A 208 -1.09 -3.17 8.27
C MET A 208 -2.16 -2.15 7.87
N LYS A 209 -1.75 -1.08 7.19
CA LYS A 209 -2.71 -0.18 6.57
C LYS A 209 -3.69 -0.97 5.72
N GLY A 210 -3.17 -1.79 4.81
CA GLY A 210 -4.03 -2.59 3.96
C GLY A 210 -4.92 -3.54 4.75
N VAL A 211 -4.38 -4.19 5.79
CA VAL A 211 -5.19 -5.12 6.56
C VAL A 211 -6.36 -4.39 7.20
N TYR A 212 -6.09 -3.23 7.82
CA TYR A 212 -7.16 -2.50 8.51
CA TYR A 212 -7.16 -2.51 8.51
C TYR A 212 -8.25 -2.07 7.55
N ILE A 213 -7.88 -1.44 6.44
CA ILE A 213 -8.94 -0.86 5.63
C ILE A 213 -9.73 -1.94 4.90
N ASN A 214 -9.09 -3.05 4.50
CA ASN A 214 -9.88 -4.14 3.89
C ASN A 214 -10.79 -4.83 4.90
N THR A 215 -10.34 -4.96 6.16
CA THR A 215 -11.19 -5.58 7.16
C THR A 215 -12.38 -4.68 7.48
N ALA A 216 -12.15 -3.37 7.57
CA ALA A 216 -13.25 -2.47 7.87
C ALA A 216 -14.24 -2.42 6.72
N LEU A 217 -13.73 -2.44 5.47
CA LEU A 217 -14.61 -2.36 4.32
C LEU A 217 -15.36 -3.67 4.12
N LEU A 218 -14.68 -4.81 4.26
CA LEU A 218 -15.38 -6.09 4.12
C LEU A 218 -16.43 -6.25 5.20
N ASN A 219 -16.11 -5.85 6.43
CA ASN A 219 -17.09 -5.93 7.50
C ASN A 219 -18.30 -5.03 7.22
N ALA A 220 -18.05 -3.77 6.82
CA ALA A 220 -19.16 -2.86 6.54
C ALA A 220 -20.02 -3.36 5.39
N SER A 221 -19.41 -4.05 4.43
CA SER A 221 -20.14 -4.50 3.25
C SER A 221 -21.19 -5.55 3.58
N CYS A 222 -21.08 -6.29 4.69
CA CYS A 222 -22.21 -7.12 5.07
C CYS A 222 -22.94 -6.65 6.31
N ALA A 223 -22.31 -5.81 7.14
CA ALA A 223 -23.01 -5.25 8.30
C ALA A 223 -23.89 -4.04 7.96
N ALA A 224 -23.62 -3.33 6.86
CA ALA A 224 -24.37 -2.13 6.53
C ALA A 224 -24.56 -2.09 5.01
N MET A 225 -25.27 -3.09 4.49
CA MET A 225 -25.30 -3.33 3.05
C MET A 225 -25.84 -2.12 2.26
N ASP A 226 -26.90 -1.48 2.74
CA ASP A 226 -27.54 -0.41 1.98
C ASP A 226 -27.07 0.98 2.36
N ASP A 227 -26.15 1.11 3.31
CA ASP A 227 -25.71 2.41 3.78
C ASP A 227 -24.44 2.88 3.08
N PHE A 228 -24.34 4.20 2.89
CA PHE A 228 -23.12 4.86 2.45
C PHE A 228 -22.30 5.13 3.70
N GLN A 229 -21.62 4.10 4.18
CA GLN A 229 -20.98 4.23 5.47
C GLN A 229 -19.64 4.95 5.34
N LEU A 230 -19.41 5.88 6.27
CA LEU A 230 -18.14 6.59 6.36
C LEU A 230 -17.15 5.72 7.11
N ILE A 231 -16.04 5.38 6.46
CA ILE A 231 -15.13 4.40 7.01
C ILE A 231 -13.74 5.00 7.17
N PRO A 232 -13.27 5.25 8.40
CA PRO A 232 -11.94 5.84 8.55
C PRO A 232 -10.84 4.88 8.09
N MET A 233 -9.80 5.46 7.49
CA MET A 233 -8.58 4.72 7.17
C MET A 233 -7.61 4.90 8.32
N ILE A 234 -7.43 3.84 9.11
CA ILE A 234 -6.63 3.92 10.33
C ILE A 234 -5.49 2.91 10.28
N SER A 235 -4.39 3.26 10.96
CA SER A 235 -3.38 2.28 11.34
C SER A 235 -2.92 2.58 12.75
N LYS A 236 -2.21 1.60 13.32
CA LYS A 236 -1.67 1.73 14.66
C LYS A 236 -0.20 1.31 14.66
N CYS A 237 0.60 2.06 15.42
CA CYS A 237 2.02 1.79 15.49
C CYS A 237 2.51 2.10 16.89
N ARG A 238 3.77 1.76 17.14
CA ARG A 238 4.45 2.02 18.39
C ARG A 238 5.67 2.88 18.08
N THR A 239 5.79 4.02 18.75
CA THR A 239 6.84 4.97 18.42
C THR A 239 8.21 4.42 18.80
N LYS A 240 9.24 5.14 18.36
CA LYS A 240 10.61 4.87 18.79
C LYS A 240 10.69 4.68 20.29
N GLU A 241 10.01 5.53 21.04
CA GLU A 241 10.02 5.46 22.50
C GLU A 241 9.03 4.45 23.07
N GLY A 242 8.37 3.65 22.24
CA GLY A 242 7.44 2.63 22.72
C GLY A 242 6.04 3.11 23.00
N ARG A 243 5.69 4.34 22.62
CA ARG A 243 4.35 4.84 22.83
C ARG A 243 3.43 4.34 21.73
N ARG A 244 2.25 3.86 22.13
CA ARG A 244 1.23 3.45 21.17
C ARG A 244 0.59 4.69 20.52
N LYS A 245 0.49 4.69 19.18
CA LYS A 245 -0.01 5.82 18.40
C LYS A 245 -1.06 5.35 17.40
N THR A 246 -2.08 6.18 17.17
CA THR A 246 -3.18 5.86 16.26
C THR A 246 -3.17 6.85 15.10
N ASN A 247 -3.21 6.34 13.86
CA ASN A 247 -2.99 7.13 12.65
C ASN A 247 -4.24 7.16 11.79
N LEU A 248 -4.58 8.34 11.30
CA LEU A 248 -5.69 8.53 10.38
C LEU A 248 -5.14 9.03 9.06
N TYR A 249 -5.33 8.24 8.00
CA TYR A 249 -4.89 8.58 6.65
C TYR A 249 -5.92 9.36 5.85
N GLY A 250 -7.17 9.28 6.27
CA GLY A 250 -8.27 9.75 5.46
C GLY A 250 -9.50 8.89 5.72
N PHE A 251 -10.38 8.89 4.74
CA PHE A 251 -11.65 8.20 4.85
C PHE A 251 -12.01 7.58 3.53
N ILE A 252 -12.77 6.50 3.61
CA ILE A 252 -13.50 6.04 2.44
CA ILE A 252 -13.50 5.93 2.48
C ILE A 252 -14.97 6.04 2.79
N ILE A 253 -15.79 6.21 1.75
CA ILE A 253 -17.24 6.06 1.84
C ILE A 253 -17.63 4.91 0.93
N LYS A 254 -18.30 3.90 1.46
CA LYS A 254 -18.70 2.79 0.61
C LYS A 254 -20.08 3.00 0.02
N GLY A 255 -20.32 2.34 -1.13
CA GLY A 255 -21.63 2.31 -1.74
C GLY A 255 -22.46 1.11 -1.29
N ARG A 256 -23.57 0.91 -1.99
CA ARG A 256 -24.38 -0.28 -1.78
C ARG A 256 -23.53 -1.52 -2.00
N SER A 257 -23.64 -2.47 -1.09
CA SER A 257 -22.76 -3.64 -1.13
C SER A 257 -23.60 -4.87 -0.83
N HIS A 258 -24.30 -5.36 -1.85
CA HIS A 258 -24.96 -6.67 -1.78
C HIS A 258 -24.09 -7.66 -2.53
N LEU A 259 -23.11 -8.20 -1.82
CA LEU A 259 -22.06 -9.00 -2.45
C LEU A 259 -22.47 -10.48 -2.37
N ARG A 260 -23.21 -10.92 -3.38
CA ARG A 260 -23.69 -12.29 -3.42
C ARG A 260 -22.56 -13.29 -3.61
N ASN A 261 -21.48 -12.89 -4.28
CA ASN A 261 -20.36 -13.78 -4.53
C ASN A 261 -19.05 -13.02 -4.51
N ASP A 262 -17.96 -13.75 -4.81
CA ASP A 262 -16.61 -13.24 -4.60
C ASP A 262 -16.23 -12.14 -5.58
N THR A 263 -16.73 -12.17 -6.81
CA THR A 263 -16.37 -11.16 -7.81
C THR A 263 -17.32 -9.97 -7.83
N ASP A 264 -18.39 -9.98 -7.05
CA ASP A 264 -19.26 -8.80 -6.99
C ASP A 264 -18.48 -7.62 -6.40
N VAL A 265 -18.77 -6.44 -6.94
CA VAL A 265 -17.98 -5.24 -6.70
C VAL A 265 -18.77 -4.31 -5.80
N VAL A 266 -18.08 -3.73 -4.82
CA VAL A 266 -18.61 -2.62 -4.03
C VAL A 266 -17.79 -1.38 -4.40
N ASN A 267 -18.48 -0.30 -4.72
CA ASN A 267 -17.81 0.95 -5.07
C ASN A 267 -17.51 1.72 -3.81
N PHE A 268 -16.48 2.56 -3.89
CA PHE A 268 -16.19 3.44 -2.77
C PHE A 268 -15.47 4.67 -3.28
N VAL A 269 -15.46 5.69 -2.43
CA VAL A 269 -14.76 6.95 -2.69
C VAL A 269 -13.73 7.08 -1.60
N SER A 270 -12.46 7.25 -1.98
CA SER A 270 -11.40 7.46 -1.03
C SER A 270 -11.03 8.94 -1.00
N MET A 271 -10.67 9.41 0.20
CA MET A 271 -10.31 10.79 0.48
C MET A 271 -9.09 10.77 1.40
N GLU A 272 -7.92 11.09 0.88
CA GLU A 272 -6.69 10.76 1.57
C GLU A 272 -5.82 11.98 1.74
N PHE A 273 -5.37 12.23 2.98
CA PHE A 273 -4.51 13.39 3.22
C PHE A 273 -3.19 13.24 2.50
N SER A 274 -2.58 14.38 2.16
CA SER A 274 -1.23 14.30 1.59
C SER A 274 -0.63 15.68 1.58
N LEU A 275 0.71 15.71 1.65
CA LEU A 275 1.50 16.90 1.40
C LEU A 275 2.05 16.95 -0.02
N THR A 276 1.80 15.92 -0.84
CA THR A 276 2.30 15.93 -2.21
C THR A 276 1.48 16.89 -3.06
N ASP A 277 2.14 17.89 -3.62
CA ASP A 277 1.45 18.79 -4.54
C ASP A 277 1.23 18.06 -5.85
N PRO A 278 -0.01 17.74 -6.23
CA PRO A 278 -0.21 16.90 -7.42
C PRO A 278 0.27 17.53 -8.71
N ARG A 279 0.49 18.85 -8.73
CA ARG A 279 0.86 19.53 -9.95
C ARG A 279 2.31 19.28 -10.34
N LEU A 280 3.10 18.65 -9.48
CA LEU A 280 4.48 18.31 -9.84
C LEU A 280 4.53 17.13 -10.80
N GLU A 281 3.57 16.21 -10.69
CA GLU A 281 3.60 14.94 -11.41
C GLU A 281 2.18 14.56 -11.79
N PRO A 282 1.53 15.36 -12.62
CA PRO A 282 0.08 15.19 -12.80
C PRO A 282 -0.29 13.86 -13.43
N HIS A 283 0.56 13.32 -14.30
CA HIS A 283 0.26 12.02 -14.91
C HIS A 283 0.07 10.95 -13.85
N LYS A 284 0.81 11.02 -12.75
CA LYS A 284 0.61 10.04 -11.68
C LYS A 284 -0.82 10.08 -11.16
N TRP A 285 -1.53 11.20 -11.36
CA TRP A 285 -2.77 11.43 -10.65
C TRP A 285 -3.97 11.52 -11.60
N GLU A 286 -3.88 10.84 -12.75
CA GLU A 286 -4.93 10.87 -13.76
C GLU A 286 -6.29 10.45 -13.19
N LYS A 287 -6.31 9.59 -12.19
CA LYS A 287 -7.55 9.04 -11.67
C LYS A 287 -8.13 9.88 -10.53
N TYR A 288 -7.46 10.93 -10.10
CA TYR A 288 -7.86 11.64 -8.90
C TYR A 288 -8.37 13.03 -9.20
N CYS A 289 -9.26 13.49 -8.34
CA CYS A 289 -9.49 14.91 -8.12
C CYS A 289 -8.74 15.26 -6.83
N VAL A 290 -7.89 16.28 -6.89
CA VAL A 290 -7.08 16.62 -5.72
C VAL A 290 -7.52 17.99 -5.20
N LEU A 291 -7.87 18.03 -3.91
CA LEU A 291 -8.29 19.24 -3.23
C LEU A 291 -7.18 19.78 -2.37
N GLU A 292 -7.18 21.10 -2.16
CA GLU A 292 -6.36 21.73 -1.13
C GLU A 292 -7.31 22.04 0.01
N VAL A 293 -7.01 21.52 1.20
CA VAL A 293 -8.01 21.51 2.25
C VAL A 293 -7.51 22.15 3.53
N GLY A 294 -6.24 22.50 3.56
CA GLY A 294 -5.68 23.08 4.77
C GLY A 294 -4.23 23.45 4.59
N ASP A 295 -3.63 23.91 5.69
CA ASP A 295 -2.20 24.15 5.81
C ASP A 295 -1.71 23.55 7.12
N MET A 296 -0.50 23.01 7.09
CA MET A 296 0.08 22.35 8.24
C MET A 296 1.40 23.01 8.59
N LEU A 297 1.61 23.28 9.86
CA LEU A 297 2.87 23.80 10.37
C LEU A 297 3.81 22.63 10.65
N LEU A 298 5.01 22.68 10.07
CA LEU A 298 5.94 21.55 10.15
C LEU A 298 7.29 21.98 10.70
N ARG A 299 7.92 21.07 11.43
CA ARG A 299 9.36 21.13 11.68
C ARG A 299 10.09 20.70 10.42
N SER A 300 11.21 21.34 10.13
CA SER A 300 11.96 21.05 8.91
C SER A 300 13.44 21.37 9.14
N ALA A 301 14.26 21.03 8.16
CA ALA A 301 15.67 21.39 8.20
C ALA A 301 15.91 22.90 8.19
N ILE A 302 14.85 23.73 8.11
CA ILE A 302 14.99 25.18 8.10
C ILE A 302 14.09 25.74 9.18
N GLY A 303 13.80 24.93 10.20
CA GLY A 303 12.85 25.35 11.21
C GLY A 303 11.41 25.21 10.73
N HIS A 304 10.54 25.98 11.35
CA HIS A 304 9.11 25.82 11.15
C HIS A 304 8.68 26.41 9.81
N VAL A 305 7.84 25.66 9.10
CA VAL A 305 7.33 26.05 7.79
C VAL A 305 5.89 25.60 7.67
N SER A 306 5.10 26.38 6.96
CA SER A 306 3.72 26.02 6.65
C SER A 306 3.64 25.43 5.24
N ARG A 307 3.08 24.24 5.16
CA ARG A 307 2.90 23.57 3.88
C ARG A 307 1.42 23.36 3.62
N PRO A 308 0.99 23.47 2.36
CA PRO A 308 -0.40 23.14 2.03
C PRO A 308 -0.66 21.67 2.29
N MET A 309 -1.89 21.38 2.69
CA MET A 309 -2.32 20.01 2.89
C MET A 309 -3.37 19.70 1.85
N PHE A 310 -3.16 18.61 1.12
CA PHE A 310 -4.02 18.23 0.02
C PHE A 310 -4.87 17.05 0.42
N LEU A 311 -5.89 16.79 -0.41
CA LEU A 311 -6.77 15.65 -0.23
C LEU A 311 -6.97 15.02 -1.59
N TYR A 312 -6.44 13.79 -1.75
CA TYR A 312 -6.56 13.03 -2.99
C TYR A 312 -7.86 12.24 -2.96
N VAL A 313 -8.71 12.49 -3.95
CA VAL A 313 -10.05 11.93 -4.01
C VAL A 313 -10.19 11.15 -5.29
N ARG A 314 -10.66 9.90 -5.17
CA ARG A 314 -10.98 9.14 -6.37
C ARG A 314 -12.09 8.15 -6.05
N THR A 315 -12.80 7.74 -7.09
CA THR A 315 -13.73 6.62 -7.00
C THR A 315 -12.97 5.36 -7.40
N ASN A 316 -13.44 4.24 -6.88
CA ASN A 316 -12.69 3.01 -6.96
C ASN A 316 -13.66 1.90 -6.61
N GLY A 317 -13.16 0.68 -6.63
CA GLY A 317 -14.00 -0.44 -6.27
C GLY A 317 -13.14 -1.63 -5.94
N THR A 318 -13.73 -2.58 -5.23
CA THR A 318 -13.05 -3.80 -4.87
C THR A 318 -14.12 -4.88 -4.75
N SER A 319 -13.70 -6.13 -4.61
CA SER A 319 -14.63 -7.24 -4.55
C SER A 319 -14.41 -8.02 -3.26
N LYS A 320 -15.32 -8.95 -2.99
CA LYS A 320 -15.15 -9.82 -1.83
C LYS A 320 -13.78 -10.48 -1.87
N ILE A 321 -13.43 -11.12 -2.99
CA ILE A 321 -12.22 -11.92 -2.99
C ILE A 321 -10.98 -11.03 -2.84
N LYS A 322 -10.99 -9.84 -3.45
CA LYS A 322 -9.88 -8.92 -3.25
C LYS A 322 -9.81 -8.43 -1.80
N MET A 323 -10.97 -8.27 -1.15
CA MET A 323 -10.93 -7.79 0.22
C MET A 323 -10.38 -8.87 1.16
N LYS A 324 -10.73 -10.13 0.89
CA LYS A 324 -10.16 -11.24 1.65
C LYS A 324 -8.64 -11.31 1.50
N TRP A 325 -8.13 -11.10 0.28
CA TRP A 325 -6.67 -11.04 0.12
C TRP A 325 -6.09 -9.84 0.84
N GLY A 326 -6.77 -8.69 0.77
CA GLY A 326 -6.32 -7.54 1.54
C GLY A 326 -6.19 -7.86 3.02
N MET A 327 -7.12 -8.66 3.55
CA MET A 327 -7.06 -9.03 4.95
C MET A 327 -5.90 -9.96 5.26
N GLU A 328 -5.33 -10.63 4.26
CA GLU A 328 -4.23 -11.56 4.49
C GLU A 328 -2.84 -10.98 4.14
N MET A 329 -2.70 -9.65 4.01
CA MET A 329 -1.40 -9.10 3.62
C MET A 329 -0.28 -9.43 4.61
N ARG A 330 -0.59 -9.74 5.87
CA ARG A 330 0.47 -10.19 6.76
C ARG A 330 1.15 -11.45 6.25
N ARG A 331 0.52 -12.17 5.31
CA ARG A 331 1.19 -13.30 4.66
C ARG A 331 2.45 -12.86 3.91
N CYS A 332 2.51 -11.60 3.48
CA CYS A 332 3.70 -11.09 2.84
C CYS A 332 4.91 -11.20 3.78
N LEU A 333 4.71 -10.96 5.08
CA LEU A 333 5.79 -11.17 6.04
C LEU A 333 6.17 -12.64 6.10
N LEU A 334 5.19 -13.53 6.06
CA LEU A 334 5.50 -14.95 6.16
C LEU A 334 6.18 -15.45 4.90
N GLN A 335 5.69 -15.02 3.73
CA GLN A 335 6.25 -15.59 2.51
C GLN A 335 7.68 -15.11 2.28
N SER A 336 7.99 -13.85 2.62
CA SER A 336 9.34 -13.38 2.43
C SER A 336 10.29 -13.91 3.50
N LEU A 337 9.79 -14.14 4.73
CA LEU A 337 10.58 -14.87 5.70
C LEU A 337 11.02 -16.23 5.17
N GLN A 338 10.12 -16.93 4.47
CA GLN A 338 10.42 -18.26 3.98
C GLN A 338 11.44 -18.23 2.85
N GLN A 339 11.40 -17.19 2.02
CA GLN A 339 12.44 -17.04 1.01
C GLN A 339 13.79 -16.87 1.68
N ILE A 340 13.83 -16.12 2.77
CA ILE A 340 15.06 -15.98 3.56
C ILE A 340 15.46 -17.34 4.12
N GLU A 341 14.53 -18.03 4.77
CA GLU A 341 14.81 -19.35 5.33
C GLU A 341 15.26 -20.34 4.25
N SER A 342 14.70 -20.23 3.04
CA SER A 342 15.18 -21.07 1.95
C SER A 342 16.66 -20.81 1.66
N MET A 343 17.12 -19.57 1.87
CA MET A 343 18.54 -19.28 1.63
C MET A 343 19.41 -19.80 2.77
N ILE A 344 18.97 -19.61 4.02
CA ILE A 344 19.71 -20.12 5.16
C ILE A 344 19.80 -21.64 5.13
N GLU A 345 18.69 -22.31 4.74
CA GLU A 345 18.74 -23.76 4.70
C GLU A 345 19.63 -24.26 3.58
N ALA A 346 19.79 -23.49 2.50
CA ALA A 346 20.73 -23.88 1.45
C ALA A 346 22.17 -23.76 1.95
N GLU A 347 22.49 -22.64 2.62
CA GLU A 347 23.83 -22.48 3.17
C GLU A 347 24.11 -23.52 4.24
N SER A 348 23.12 -23.81 5.09
CA SER A 348 23.31 -24.77 6.16
C SER A 348 23.51 -26.19 5.61
N SER A 349 22.92 -26.50 4.45
CA SER A 349 23.12 -27.82 3.84
C SER A 349 24.54 -27.97 3.31
N VAL A 350 25.18 -26.87 2.89
CA VAL A 350 26.55 -26.93 2.43
C VAL A 350 27.52 -27.05 3.60
N LYS A 351 27.30 -26.27 4.67
CA LYS A 351 28.25 -26.14 5.77
C LYS A 351 27.96 -27.07 6.94
N GLU A 352 27.01 -28.00 6.80
CA GLU A 352 26.77 -29.07 7.77
C GLU A 352 26.58 -28.56 9.20
N LYS A 353 26.24 -27.28 9.36
CA LYS A 353 25.88 -26.69 10.64
C LYS A 353 24.76 -25.70 10.40
N ASP A 354 24.14 -25.23 11.48
CA ASP A 354 23.13 -24.19 11.35
C ASP A 354 23.82 -22.84 11.09
N MET A 355 23.38 -22.14 10.04
CA MET A 355 24.00 -20.90 9.61
C MET A 355 23.13 -19.67 9.85
N THR A 356 22.18 -19.74 10.79
CA THR A 356 21.27 -18.63 11.04
C THR A 356 21.98 -17.40 11.59
N LYS A 357 22.76 -17.60 12.67
CA LYS A 357 23.54 -16.49 13.22
C LYS A 357 24.45 -15.91 12.15
N GLU A 358 25.19 -16.77 11.47
CA GLU A 358 26.17 -16.35 10.47
C GLU A 358 25.52 -15.66 9.28
N PHE A 359 24.31 -16.10 8.91
CA PHE A 359 23.58 -15.39 7.85
C PHE A 359 23.17 -14.00 8.31
N PHE A 360 22.48 -13.90 9.45
CA PHE A 360 21.86 -12.63 9.80
C PHE A 360 22.87 -11.62 10.35
N GLU A 361 23.94 -12.10 10.97
CA GLU A 361 25.00 -11.22 11.42
C GLU A 361 26.06 -11.01 10.36
N ASN A 362 25.86 -11.57 9.16
CA ASN A 362 26.72 -11.33 7.99
C ASN A 362 28.18 -11.65 8.31
N LYS A 363 28.42 -12.78 8.96
CA LYS A 363 29.75 -13.19 9.38
C LYS A 363 30.33 -14.22 8.42
N SER A 372 32.68 -19.20 0.76
CA SER A 372 31.58 -18.53 1.47
C SER A 372 31.46 -17.05 1.06
N PRO A 373 30.29 -16.45 1.24
CA PRO A 373 30.08 -15.07 0.74
C PRO A 373 30.82 -14.04 1.56
N LYS A 374 31.42 -13.08 0.86
CA LYS A 374 32.21 -12.02 1.49
C LYS A 374 31.47 -10.68 1.46
N GLY A 375 30.15 -10.69 1.30
CA GLY A 375 29.38 -9.48 1.26
C GLY A 375 27.94 -9.75 0.89
N VAL A 376 27.19 -8.66 0.78
CA VAL A 376 25.76 -8.68 0.48
C VAL A 376 25.48 -7.65 -0.60
N GLU A 377 24.98 -8.10 -1.75
CA GLU A 377 24.86 -7.23 -2.92
C GLU A 377 24.04 -6.00 -2.62
N GLU A 378 22.87 -6.19 -2.00
CA GLU A 378 22.00 -5.08 -1.63
C GLU A 378 22.60 -4.21 -0.53
N GLY A 379 23.70 -4.63 0.09
CA GLY A 379 24.31 -3.82 1.13
C GLY A 379 24.34 -4.45 2.51
N SER A 380 23.19 -4.90 3.00
CA SER A 380 23.08 -5.55 4.31
C SER A 380 22.06 -6.68 4.24
N ILE A 381 22.11 -7.58 5.22
CA ILE A 381 21.08 -8.59 5.33
C ILE A 381 19.74 -7.94 5.56
N GLY A 382 19.72 -6.86 6.35
CA GLY A 382 18.49 -6.14 6.57
C GLY A 382 17.87 -5.64 5.29
N LYS A 383 18.70 -5.17 4.35
CA LYS A 383 18.14 -4.64 3.10
C LYS A 383 17.59 -5.75 2.23
N VAL A 384 18.22 -6.93 2.25
CA VAL A 384 17.68 -8.07 1.52
C VAL A 384 16.30 -8.42 2.06
N CYS A 385 16.17 -8.51 3.39
CA CYS A 385 14.87 -8.80 3.99
C CYS A 385 13.80 -7.78 3.58
N ARG A 386 14.18 -6.50 3.52
CA ARG A 386 13.18 -5.48 3.24
C ARG A 386 12.89 -5.35 1.75
N THR A 387 13.84 -5.74 0.89
CA THR A 387 13.56 -5.79 -0.54
C THR A 387 12.64 -6.95 -0.87
N LEU A 388 12.89 -8.12 -0.30
CA LEU A 388 11.98 -9.25 -0.47
C LEU A 388 10.57 -8.89 -0.01
N LEU A 389 10.45 -8.31 1.19
CA LEU A 389 9.14 -7.96 1.70
C LEU A 389 8.45 -6.98 0.77
N ALA A 390 9.15 -5.91 0.38
CA ALA A 390 8.55 -4.87 -0.45
C ALA A 390 8.08 -5.43 -1.80
N LYS A 391 8.86 -6.37 -2.37
CA LYS A 391 8.41 -7.03 -3.59
C LYS A 391 7.11 -7.79 -3.35
N SER A 392 7.08 -8.58 -2.27
CA SER A 392 5.88 -9.33 -1.94
C SER A 392 4.69 -8.40 -1.68
N VAL A 393 4.92 -7.29 -0.98
CA VAL A 393 3.84 -6.37 -0.68
C VAL A 393 3.35 -5.67 -1.94
N PHE A 394 4.28 -5.26 -2.81
CA PHE A 394 3.85 -4.63 -4.05
C PHE A 394 3.14 -5.64 -4.97
N ASN A 395 3.52 -6.92 -4.93
CA ASN A 395 2.73 -7.92 -5.64
C ASN A 395 1.30 -7.95 -5.17
N SER A 396 1.09 -7.76 -3.88
CA SER A 396 -0.25 -7.71 -3.32
C SER A 396 -0.94 -6.39 -3.66
N LEU A 397 -0.25 -5.26 -3.45
CA LEU A 397 -0.86 -3.96 -3.73
C LEU A 397 -1.20 -3.78 -5.21
N TYR A 398 -0.39 -4.37 -6.10
CA TYR A 398 -0.56 -4.20 -7.54
C TYR A 398 -0.86 -5.54 -8.23
N ALA A 399 -1.58 -6.43 -7.54
CA ALA A 399 -1.96 -7.70 -8.13
C ALA A 399 -2.78 -7.46 -9.39
N SER A 400 -2.60 -8.33 -10.39
CA SER A 400 -3.29 -8.17 -11.67
C SER A 400 -3.02 -9.41 -12.50
N PRO A 401 -3.85 -9.65 -13.53
CA PRO A 401 -3.52 -10.72 -14.50
C PRO A 401 -2.23 -10.46 -15.25
N GLN A 402 -1.96 -9.19 -15.58
CA GLN A 402 -0.71 -8.83 -16.25
C GLN A 402 0.50 -9.22 -15.40
N LEU A 403 0.45 -8.97 -14.10
CA LEU A 403 1.54 -9.41 -13.23
C LEU A 403 1.67 -10.92 -13.26
N GLU A 404 0.54 -11.64 -13.30
CA GLU A 404 0.59 -13.09 -13.28
C GLU A 404 1.27 -13.64 -14.52
N GLY A 405 0.86 -13.16 -15.70
CA GLY A 405 1.50 -13.60 -16.92
C GLY A 405 2.97 -13.24 -16.96
N PHE A 406 3.29 -11.99 -16.59
CA PHE A 406 4.68 -11.56 -16.68
C PHE A 406 5.57 -12.44 -15.80
N SER A 407 5.11 -12.77 -14.59
CA SER A 407 5.93 -13.54 -13.67
C SER A 407 6.20 -14.94 -14.18
N ALA A 408 5.14 -15.65 -14.57
CA ALA A 408 5.29 -17.05 -14.98
C ALA A 408 6.04 -17.16 -16.30
N GLU A 409 5.83 -16.21 -17.20
CA GLU A 409 6.45 -16.30 -18.51
C GLU A 409 7.88 -15.75 -18.49
N SER A 410 8.12 -14.62 -17.82
CA SER A 410 9.50 -14.15 -17.70
C SER A 410 10.37 -15.14 -16.93
N ARG A 411 9.76 -15.94 -16.04
CA ARG A 411 10.52 -16.98 -15.33
C ARG A 411 11.07 -18.00 -16.31
N LYS A 412 10.26 -18.42 -17.28
CA LYS A 412 10.72 -19.37 -18.30
C LYS A 412 11.88 -18.81 -19.10
N LEU A 413 11.78 -17.53 -19.50
CA LEU A 413 12.83 -16.91 -20.31
C LEU A 413 14.11 -16.68 -19.52
N LEU A 414 14.01 -16.49 -18.20
CA LEU A 414 15.21 -16.30 -17.40
C LEU A 414 16.06 -17.57 -17.37
N LEU A 415 15.43 -18.71 -17.09
CA LEU A 415 16.16 -19.98 -17.05
C LEU A 415 16.82 -20.27 -18.39
N ILE A 416 16.16 -19.91 -19.49
CA ILE A 416 16.71 -20.13 -20.82
C ILE A 416 17.91 -19.24 -21.07
N VAL A 417 17.82 -17.97 -20.68
CA VAL A 417 18.97 -17.08 -20.87
C VAL A 417 20.10 -17.43 -19.91
N GLN A 418 19.78 -17.99 -18.73
CA GLN A 418 20.85 -18.36 -17.79
C GLN A 418 21.57 -19.61 -18.28
N ALA A 419 20.83 -20.62 -18.71
CA ALA A 419 21.47 -21.81 -19.27
C ALA A 419 22.22 -21.48 -20.54
N LEU A 420 21.76 -20.48 -21.31
CA LEU A 420 22.50 -20.06 -22.49
C LEU A 420 23.80 -19.36 -22.11
N ARG A 421 23.73 -18.41 -21.17
CA ARG A 421 24.91 -17.66 -20.77
C ARG A 421 25.98 -18.57 -20.18
N ASP A 422 25.57 -19.58 -19.42
CA ASP A 422 26.54 -20.44 -18.75
C ASP A 422 27.30 -21.33 -19.72
N ASN A 423 26.67 -21.74 -20.82
CA ASN A 423 27.22 -22.78 -21.67
C ASN A 423 27.63 -22.31 -23.06
N LEU A 424 27.42 -21.03 -23.39
CA LEU A 424 27.77 -20.54 -24.72
C LEU A 424 28.87 -19.47 -24.66
N GLY A 432 11.27 -16.75 -29.13
CA GLY A 432 10.34 -16.06 -30.01
C GLY A 432 8.90 -16.04 -29.53
N GLY A 433 8.38 -17.23 -29.19
CA GLY A 433 7.02 -17.30 -28.69
C GLY A 433 6.88 -16.85 -27.24
N LEU A 434 7.95 -17.00 -26.44
CA LEU A 434 7.92 -16.51 -25.08
C LEU A 434 7.79 -14.99 -25.07
N TYR A 435 8.45 -14.32 -26.03
CA TYR A 435 8.44 -12.86 -26.05
C TYR A 435 7.03 -12.31 -26.23
N GLU A 436 6.27 -12.87 -27.16
CA GLU A 436 4.89 -12.41 -27.35
C GLU A 436 4.07 -12.63 -26.08
N ALA A 437 4.19 -13.81 -25.47
CA ALA A 437 3.45 -14.08 -24.24
C ALA A 437 3.82 -13.08 -23.15
N ILE A 438 5.10 -12.69 -23.10
CA ILE A 438 5.56 -11.75 -22.10
C ILE A 438 5.08 -10.34 -22.43
N GLU A 439 5.31 -9.91 -23.66
CA GLU A 439 4.99 -8.54 -24.03
C GLU A 439 3.49 -8.31 -24.18
N GLU A 440 2.69 -9.38 -24.35
CA GLU A 440 1.24 -9.23 -24.29
C GLU A 440 0.76 -8.77 -22.92
N CYS A 441 1.63 -8.87 -21.90
CA CYS A 441 1.34 -8.44 -20.55
C CYS A 441 1.87 -7.04 -20.25
N LEU A 442 2.61 -6.42 -21.17
CA LEU A 442 3.21 -5.11 -20.92
C LEU A 442 2.30 -4.06 -21.57
N ILE A 443 1.30 -3.60 -20.81
CA ILE A 443 0.26 -2.73 -21.34
C ILE A 443 0.26 -1.37 -20.66
N ASN A 444 0.03 -1.34 -19.34
CA ASN A 444 -0.07 -0.05 -18.66
C ASN A 444 0.09 -0.13 -17.15
N ASP A 445 0.33 -1.33 -16.62
CA ASP A 445 0.41 -1.48 -15.17
C ASP A 445 1.78 -1.02 -14.69
N PRO A 446 1.86 0.00 -13.82
CA PRO A 446 3.18 0.51 -13.39
C PRO A 446 4.07 -0.55 -12.76
N TRP A 447 3.53 -1.40 -11.89
CA TRP A 447 4.35 -2.42 -11.24
C TRP A 447 4.92 -3.41 -12.25
N VAL A 448 4.10 -3.88 -13.19
CA VAL A 448 4.59 -4.80 -14.23
C VAL A 448 5.66 -4.13 -15.08
N LEU A 449 5.39 -2.90 -15.54
CA LEU A 449 6.39 -2.20 -16.35
C LEU A 449 7.72 -2.07 -15.61
N LEU A 450 7.67 -1.70 -14.32
CA LEU A 450 8.91 -1.66 -13.54
C LEU A 450 9.59 -3.02 -13.54
N ASN A 451 8.84 -4.09 -13.22
CA ASN A 451 9.46 -5.42 -13.19
C ASN A 451 9.99 -5.82 -14.56
N ALA A 452 9.33 -5.39 -15.63
CA ALA A 452 9.87 -5.60 -16.96
C ALA A 452 11.19 -4.83 -17.14
N SER A 453 11.22 -3.59 -16.66
CA SER A 453 12.45 -2.81 -16.72
C SER A 453 13.57 -3.49 -15.93
N TRP A 454 13.26 -3.97 -14.72
CA TRP A 454 14.22 -4.73 -13.92
C TRP A 454 14.72 -5.96 -14.67
N PHE A 455 13.82 -6.67 -15.34
CA PHE A 455 14.21 -7.86 -16.07
C PHE A 455 15.18 -7.52 -17.20
N ASN A 456 15.05 -6.34 -17.82
CA ASN A 456 15.97 -5.94 -18.88
C ASN A 456 17.35 -5.58 -18.35
N SER A 457 17.44 -5.07 -17.11
CA SER A 457 18.74 -4.97 -16.47
C SER A 457 19.42 -6.34 -16.38
N PHE A 458 18.69 -7.35 -15.85
CA PHE A 458 19.23 -8.69 -15.76
C PHE A 458 19.66 -9.23 -17.12
N LEU A 459 19.13 -8.66 -18.20
CA LEU A 459 19.47 -9.03 -19.56
C LEU A 459 20.66 -8.29 -20.12
N THR A 460 21.21 -7.32 -19.40
CA THR A 460 22.43 -6.63 -19.81
C THR A 460 23.64 -7.07 -18.99
N HIS A 461 23.47 -8.03 -18.08
CA HIS A 461 24.57 -8.58 -17.28
C HIS A 461 24.25 -10.01 -16.85
C10 6AX B . -13.99 18.87 12.03
C10 6AX B . -13.02 24.31 8.52
N01 6AX B . -12.87 25.79 6.97
N01 6AX B . -14.67 16.91 13.03
C02 6AX B . -13.01 24.61 7.81
C02 6AX B . -14.49 18.12 12.26
N03 6AX B . -13.34 23.39 7.42
N03 6AX B . -15.27 18.56 11.27
N04 6AX B . -13.36 22.59 8.52
N04 6AX B . -14.74 19.74 10.83
C05 6AX B . -13.03 23.32 9.57
C05 6AX B . -13.65 20.00 11.54
C06 6AX B . -12.90 22.90 11.03
C06 6AX B . -12.67 21.18 11.47
C07 6AX B . -13.31 21.47 11.36
C07 6AX B . -12.84 22.25 10.38
C08 6AX B . -14.59 20.99 11.08
C08 6AX B . -12.50 23.55 10.73
C09 6AX B . -14.92 19.69 11.42
C09 6AX B . -12.59 24.58 9.81
CL 6AX B . -14.40 17.18 12.48
CL 6AX B . -13.13 25.65 7.33
C12 6AX B . -12.72 19.34 12.32
C12 6AX B . -13.34 23.01 8.15
C13 6AX B . -12.39 20.64 11.99
C13 6AX B . -13.25 21.98 9.08
O14 6AX B . -12.81 24.58 9.14
O14 6AX B . -13.50 19.00 12.43
S DMS C . -9.57 -0.99 -0.49
O DMS C . -10.44 -1.17 -1.69
C1 DMS C . -9.22 0.74 -0.10
C2 DMS C . -10.39 -1.59 1.02
CL CL D . 0.69 -14.57 9.11
C1 EDO E . -7.02 1.72 -12.05
O1 EDO E . -7.37 2.09 -10.71
C2 EDO E . -7.84 0.54 -12.54
O2 EDO E . -8.75 1.00 -13.55
C1 GOL F . 6.81 8.68 8.95
O1 GOL F . 5.62 8.35 8.23
C2 GOL F . 7.05 7.64 10.04
O2 GOL F . 8.43 7.63 10.39
C3 GOL F . 6.19 7.95 11.26
O3 GOL F . 6.62 7.20 12.36
#